data_1T0P
#
_entry.id   1T0P
#
_cell.length_a   42.463
_cell.length_b   66.471
_cell.length_c   110.816
_cell.angle_alpha   90.00
_cell.angle_beta   90.00
_cell.angle_gamma   90.00
#
_symmetry.space_group_name_H-M   'P 21 21 21'
#
loop_
_entity.id
_entity.type
_entity.pdbx_description
1 polymer 'Integrin alpha-L'
2 polymer 'Intercellular adhesion molecule-3'
3 non-polymer 'MAGNESIUM ION'
4 non-polymer 2-acetamido-2-deoxy-beta-D-glucopyranose
5 water water
#
loop_
_entity_poly.entity_id
_entity_poly.type
_entity_poly.pdbx_seq_one_letter_code
_entity_poly.pdbx_strand_id
1 'polypeptide(L)'
;MGNVDLVFLFDGSMSLQPDEFQKILDFMKDVMKKLSNTSYQFAAVQFSTSYKTEFDFSDYVKWKDPDALLKHVKHMLLLT
NTFGAINYVATEVFREELGARPDATKVLIIITDGEATDSGNIDAAKDIIRYIIGIGKHFQTKESQETLHKFASKPASEFV
CILDTFECLKDLFTE
;
A
2 'polypeptide(L)'
;QEFLLRVEPQNPVLSAGGSLFVNCSTDCPSSEKIALETSLSKELVASGMGWAAFNLSNVTGNSRILCSVYCNGSQITGSS
NITVYG
;
B
#
loop_
_chem_comp.id
_chem_comp.type
_chem_comp.name
_chem_comp.formula
MG non-polymer 'MAGNESIUM ION' 'Mg 2'
NAG D-saccharide, beta linking 2-acetamido-2-deoxy-beta-D-glucopyranose 'C8 H15 N O6'
#
# COMPACT_ATOMS: atom_id res chain seq x y z
N MET A 1 15.85 17.40 -20.87
CA MET A 1 15.43 16.57 -19.70
C MET A 1 16.52 15.60 -19.28
N GLY A 2 16.87 15.64 -18.00
CA GLY A 2 17.88 14.75 -17.47
C GLY A 2 17.32 13.37 -17.25
N ASN A 3 18.15 12.45 -16.79
CA ASN A 3 17.73 11.08 -16.53
C ASN A 3 16.82 11.01 -15.32
N VAL A 4 15.86 10.09 -15.36
CA VAL A 4 14.94 9.90 -14.24
C VAL A 4 14.84 8.42 -13.91
N ASP A 5 15.11 8.09 -12.65
CA ASP A 5 15.00 6.72 -12.18
C ASP A 5 13.69 6.74 -11.40
N LEU A 6 12.71 6.01 -11.91
CA LEU A 6 11.38 5.99 -11.29
C LEU A 6 11.03 4.61 -10.75
N VAL A 7 10.53 4.59 -9.52
CA VAL A 7 10.11 3.37 -8.85
C VAL A 7 8.61 3.37 -8.57
N PHE A 8 7.94 2.32 -9.03
CA PHE A 8 6.51 2.18 -8.76
C PHE A 8 6.45 1.38 -7.47
N LEU A 9 5.89 1.97 -6.43
CA LEU A 9 5.74 1.29 -5.14
C LEU A 9 4.24 1.06 -5.05
N PHE A 10 3.83 -0.17 -5.33
CA PHE A 10 2.41 -0.49 -5.36
C PHE A 10 1.89 -1.36 -4.24
N ASP A 11 0.71 -0.97 -3.78
CA ASP A 11 -0.01 -1.56 -2.67
C ASP A 11 -0.59 -2.94 -2.95
N GLY A 12 -0.04 -3.97 -2.28
CA GLY A 12 -0.54 -5.31 -2.44
C GLY A 12 -1.28 -5.79 -1.20
N SER A 13 -1.76 -4.85 -0.38
CA SER A 13 -2.46 -5.20 0.85
C SER A 13 -3.89 -5.73 0.65
N MET A 14 -4.41 -6.35 1.70
CA MET A 14 -5.75 -6.94 1.69
C MET A 14 -6.88 -5.91 1.50
N SER A 15 -6.62 -4.64 1.80
CA SER A 15 -7.65 -3.61 1.65
C SER A 15 -8.03 -3.28 0.21
N LEU A 16 -7.22 -3.72 -0.76
CA LEU A 16 -7.53 -3.48 -2.15
C LEU A 16 -8.09 -4.77 -2.74
N GLN A 17 -9.23 -4.65 -3.42
CA GLN A 17 -9.89 -5.80 -4.06
C GLN A 17 -9.03 -6.34 -5.20
N PRO A 18 -9.22 -7.62 -5.56
CA PRO A 18 -8.46 -8.26 -6.64
C PRO A 18 -8.53 -7.48 -7.95
N ASP A 19 -9.70 -6.93 -8.27
CA ASP A 19 -9.87 -6.17 -9.50
C ASP A 19 -9.09 -4.86 -9.45
N GLU A 20 -9.02 -4.27 -8.26
CA GLU A 20 -8.28 -3.02 -8.08
C GLU A 20 -6.78 -3.29 -8.21
N PHE A 21 -6.34 -4.42 -7.67
CA PHE A 21 -4.93 -4.77 -7.78
C PHE A 21 -4.54 -4.96 -9.24
N GLN A 22 -5.43 -5.60 -10.01
CA GLN A 22 -5.17 -5.82 -11.44
C GLN A 22 -5.13 -4.49 -12.19
N LYS A 23 -5.95 -3.53 -11.75
CA LYS A 23 -5.98 -2.21 -12.36
C LYS A 23 -4.64 -1.51 -12.08
N ILE A 24 -4.07 -1.78 -10.92
CA ILE A 24 -2.77 -1.19 -10.56
C ILE A 24 -1.71 -1.75 -11.50
N LEU A 25 -1.71 -3.07 -11.69
CA LEU A 25 -0.75 -3.70 -12.58
C LEU A 25 -0.86 -3.14 -13.99
N ASP A 26 -2.09 -3.01 -14.49
CA ASP A 26 -2.32 -2.50 -15.83
C ASP A 26 -1.87 -1.05 -15.98
N PHE A 27 -2.08 -0.26 -14.93
CA PHE A 27 -1.69 1.14 -14.90
C PHE A 27 -0.16 1.29 -15.00
N MET A 28 0.57 0.50 -14.22
CA MET A 28 2.02 0.57 -14.25
C MET A 28 2.55 0.19 -15.64
N LYS A 29 1.92 -0.80 -16.26
CA LYS A 29 2.34 -1.24 -17.58
C LYS A 29 2.09 -0.16 -18.61
N ASP A 30 0.95 0.52 -18.51
CA ASP A 30 0.61 1.58 -19.46
C ASP A 30 1.51 2.79 -19.35
N VAL A 31 1.78 3.23 -18.12
CA VAL A 31 2.66 4.37 -17.90
C VAL A 31 4.07 4.04 -18.45
N MET A 32 4.56 2.83 -18.18
CA MET A 32 5.88 2.46 -18.69
C MET A 32 5.93 2.40 -20.22
N LYS A 33 4.84 1.94 -20.84
CA LYS A 33 4.79 1.87 -22.30
C LYS A 33 4.88 3.28 -22.90
N LYS A 34 4.22 4.25 -22.27
CA LYS A 34 4.27 5.63 -22.78
C LYS A 34 5.63 6.28 -22.53
N LEU A 35 6.38 5.73 -21.57
CA LEU A 35 7.70 6.26 -21.26
C LEU A 35 8.85 5.43 -21.81
N SER A 36 8.55 4.54 -22.76
CA SER A 36 9.60 3.73 -23.35
C SER A 36 10.46 4.62 -24.24
N ASN A 37 11.72 4.26 -24.41
CA ASN A 37 12.65 5.03 -25.24
C ASN A 37 12.81 6.48 -24.80
N THR A 38 12.88 6.71 -23.50
CA THR A 38 13.05 8.06 -22.95
C THR A 38 14.18 8.05 -21.93
N SER A 39 14.32 9.14 -21.20
CA SER A 39 15.37 9.25 -20.18
C SER A 39 14.97 8.50 -18.91
N TYR A 40 13.77 7.90 -18.92
CA TYR A 40 13.26 7.16 -17.78
C TYR A 40 13.67 5.70 -17.78
N GLN A 41 14.00 5.19 -16.59
CA GLN A 41 14.32 3.78 -16.39
C GLN A 41 13.51 3.42 -15.14
N PHE A 42 13.02 2.18 -15.08
CA PHE A 42 12.13 1.77 -14.00
C PHE A 42 12.49 0.59 -13.12
N ALA A 43 11.77 0.53 -12.01
CA ALA A 43 11.86 -0.53 -11.00
C ALA A 43 10.47 -0.56 -10.37
N ALA A 44 10.04 -1.73 -9.90
CA ALA A 44 8.73 -1.84 -9.25
C ALA A 44 8.86 -2.65 -7.99
N VAL A 45 8.21 -2.20 -6.93
CA VAL A 45 8.25 -2.85 -5.62
C VAL A 45 6.83 -3.02 -5.09
N GLN A 46 6.46 -4.26 -4.75
CA GLN A 46 5.15 -4.49 -4.18
C GLN A 46 5.30 -4.42 -2.66
N PHE A 47 4.38 -3.74 -1.99
CA PHE A 47 4.44 -3.66 -0.54
C PHE A 47 3.13 -4.05 0.12
N SER A 48 3.24 -4.69 1.27
CA SER A 48 2.10 -5.09 2.07
C SER A 48 2.69 -5.13 3.48
N THR A 49 2.82 -6.32 4.08
CA THR A 49 3.46 -6.40 5.38
C THR A 49 4.96 -6.29 5.11
N SER A 50 5.41 -7.02 4.08
CA SER A 50 6.81 -7.04 3.65
C SER A 50 6.93 -6.38 2.27
N TYR A 51 8.17 -6.27 1.79
CA TYR A 51 8.46 -5.62 0.52
C TYR A 51 9.18 -6.55 -0.46
N LYS A 52 8.81 -6.45 -1.73
CA LYS A 52 9.42 -7.28 -2.75
C LYS A 52 9.72 -6.49 -4.01
N THR A 53 10.99 -6.45 -4.39
CA THR A 53 11.37 -5.75 -5.62
C THR A 53 10.99 -6.72 -6.75
N GLU A 54 9.93 -6.39 -7.48
CA GLU A 54 9.42 -7.24 -8.56
C GLU A 54 10.34 -7.24 -9.79
N PHE A 55 11.00 -6.11 -10.01
CA PHE A 55 11.99 -5.96 -11.08
C PHE A 55 12.78 -4.70 -10.78
N ASP A 56 14.07 -4.71 -11.11
CA ASP A 56 14.90 -3.54 -10.85
C ASP A 56 15.28 -2.82 -12.13
N PHE A 57 16.06 -1.76 -11.99
CA PHE A 57 16.48 -0.96 -13.15
C PHE A 57 17.21 -1.79 -14.21
N SER A 58 18.07 -2.70 -13.79
CA SER A 58 18.79 -3.54 -14.73
C SER A 58 17.84 -4.43 -15.52
N ASP A 59 16.78 -4.90 -14.87
CA ASP A 59 15.77 -5.74 -15.53
C ASP A 59 15.08 -4.93 -16.61
N TYR A 60 14.77 -3.67 -16.31
CA TYR A 60 14.11 -2.82 -17.28
C TYR A 60 14.97 -2.58 -18.51
N VAL A 61 16.25 -2.26 -18.29
CA VAL A 61 17.17 -2.01 -19.39
C VAL A 61 17.32 -3.24 -20.28
N LYS A 62 17.36 -4.42 -19.67
CA LYS A 62 17.50 -5.66 -20.42
C LYS A 62 16.24 -6.11 -21.16
N TRP A 63 15.08 -5.97 -20.52
CA TRP A 63 13.82 -6.41 -21.10
C TRP A 63 13.02 -5.33 -21.83
N LYS A 64 12.99 -4.13 -21.26
CA LYS A 64 12.23 -3.00 -21.85
C LYS A 64 10.81 -3.44 -22.20
N ASP A 65 10.25 -4.31 -21.35
CA ASP A 65 8.92 -4.86 -21.59
C ASP A 65 8.15 -4.94 -20.28
N PRO A 66 7.29 -3.95 -20.02
CA PRO A 66 6.47 -3.87 -18.80
C PRO A 66 5.61 -5.11 -18.57
N ASP A 67 4.95 -5.59 -19.63
CA ASP A 67 4.09 -6.77 -19.53
C ASP A 67 4.89 -7.97 -19.05
N ALA A 68 6.06 -8.18 -19.64
CA ALA A 68 6.92 -9.31 -19.28
C ALA A 68 7.48 -9.18 -17.86
N LEU A 69 7.86 -7.97 -17.49
CA LEU A 69 8.44 -7.71 -16.18
C LEU A 69 7.49 -7.86 -15.00
N LEU A 70 6.20 -7.64 -15.24
CA LEU A 70 5.22 -7.72 -14.17
C LEU A 70 4.28 -8.93 -14.21
N LYS A 71 4.44 -9.78 -15.23
CA LYS A 71 3.58 -10.96 -15.38
C LYS A 71 3.58 -11.92 -14.18
N HIS A 72 4.73 -12.05 -13.52
CA HIS A 72 4.88 -12.97 -12.38
C HIS A 72 4.26 -12.52 -11.05
N VAL A 73 3.95 -11.23 -10.93
CA VAL A 73 3.41 -10.68 -9.69
C VAL A 73 2.27 -11.44 -9.04
N LYS A 74 2.44 -11.69 -7.74
CA LYS A 74 1.42 -12.37 -6.94
C LYS A 74 0.99 -11.42 -5.84
N HIS A 75 -0.32 -11.23 -5.72
CA HIS A 75 -0.94 -10.34 -4.74
C HIS A 75 -0.60 -10.83 -3.32
N MET A 76 0.10 -10.01 -2.55
CA MET A 76 0.51 -10.38 -1.18
C MET A 76 -0.66 -10.59 -0.23
N LEU A 77 -1.61 -9.67 -0.26
CA LEU A 77 -2.81 -9.76 0.57
C LEU A 77 -2.59 -9.72 2.08
N LEU A 78 -1.68 -8.86 2.52
CA LEU A 78 -1.40 -8.74 3.95
C LEU A 78 -1.63 -7.31 4.44
N LEU A 79 -0.76 -6.80 5.31
CA LEU A 79 -0.93 -5.46 5.85
C LEU A 79 -0.48 -4.33 4.92
N THR A 80 -0.43 -3.10 5.42
CA THR A 80 -0.03 -1.95 4.60
C THR A 80 1.05 -1.13 5.30
N ASN A 81 2.25 -1.69 5.37
CA ASN A 81 3.38 -1.02 6.04
C ASN A 81 4.09 -0.08 5.09
N THR A 82 3.41 1.02 4.78
CA THR A 82 3.90 2.03 3.85
C THR A 82 5.15 2.78 4.27
N PHE A 83 5.27 3.14 5.55
CA PHE A 83 6.45 3.87 6.00
C PHE A 83 7.71 3.04 5.75
N GLY A 84 7.67 1.78 6.17
CA GLY A 84 8.81 0.91 5.96
C GLY A 84 9.06 0.69 4.49
N ALA A 85 7.99 0.66 3.70
CA ALA A 85 8.10 0.46 2.26
C ALA A 85 8.87 1.57 1.58
N ILE A 86 8.57 2.82 1.95
CA ILE A 86 9.23 3.97 1.35
C ILE A 86 10.71 3.97 1.73
N ASN A 87 11.00 3.53 2.95
CA ASN A 87 12.38 3.45 3.41
C ASN A 87 13.14 2.35 2.67
N TYR A 88 12.46 1.23 2.43
CA TYR A 88 13.05 0.10 1.72
C TYR A 88 13.43 0.54 0.31
N VAL A 89 12.56 1.29 -0.35
CA VAL A 89 12.85 1.78 -1.70
C VAL A 89 14.07 2.71 -1.66
N ALA A 90 14.06 3.65 -0.72
CA ALA A 90 15.14 4.62 -0.58
C ALA A 90 16.52 4.04 -0.39
N THR A 91 16.62 2.97 0.40
CA THR A 91 17.92 2.36 0.68
C THR A 91 18.23 1.05 -0.04
N GLU A 92 17.19 0.29 -0.41
CA GLU A 92 17.40 -1.00 -1.06
C GLU A 92 17.12 -1.09 -2.55
N VAL A 93 16.46 -0.08 -3.12
CA VAL A 93 16.14 -0.11 -4.55
C VAL A 93 16.95 0.89 -5.35
N PHE A 94 17.06 2.12 -4.85
CA PHE A 94 17.83 3.14 -5.53
C PHE A 94 19.30 2.87 -5.24
N ARG A 95 19.84 1.84 -5.88
CA ARG A 95 21.22 1.42 -5.72
C ARG A 95 21.86 1.18 -7.08
N GLU A 96 23.09 1.68 -7.25
CA GLU A 96 23.81 1.51 -8.50
C GLU A 96 23.98 0.04 -8.87
N GLU A 97 24.09 -0.81 -7.86
CA GLU A 97 24.23 -2.26 -8.04
C GLU A 97 23.01 -2.88 -8.73
N LEU A 98 21.87 -2.22 -8.59
CA LEU A 98 20.62 -2.71 -9.20
C LEU A 98 20.27 -1.95 -10.48
N GLY A 99 21.22 -1.15 -10.96
CA GLY A 99 21.00 -0.41 -12.20
C GLY A 99 20.70 1.07 -12.05
N ALA A 100 20.58 1.56 -10.82
CA ALA A 100 20.29 2.98 -10.61
C ALA A 100 21.43 3.85 -11.10
N ARG A 101 21.07 5.03 -11.59
CA ARG A 101 22.04 6.00 -12.10
C ARG A 101 22.21 7.15 -11.08
N PRO A 102 23.43 7.32 -10.54
CA PRO A 102 23.73 8.36 -9.55
C PRO A 102 23.29 9.79 -9.95
N ASP A 103 23.37 10.08 -11.24
CA ASP A 103 23.01 11.39 -11.78
C ASP A 103 21.50 11.62 -11.93
N ALA A 104 20.75 10.53 -12.00
CA ALA A 104 19.31 10.62 -12.22
C ALA A 104 18.45 11.21 -11.11
N THR A 105 17.37 11.86 -11.51
CA THR A 105 16.41 12.43 -10.58
C THR A 105 15.62 11.21 -10.10
N LYS A 106 15.44 11.08 -8.79
CA LYS A 106 14.70 9.94 -8.23
C LYS A 106 13.22 10.28 -8.06
N VAL A 107 12.36 9.41 -8.59
CA VAL A 107 10.92 9.60 -8.50
C VAL A 107 10.27 8.32 -7.98
N LEU A 108 9.26 8.51 -7.14
CA LEU A 108 8.51 7.42 -6.55
C LEU A 108 7.03 7.63 -6.86
N ILE A 109 6.39 6.62 -7.45
CA ILE A 109 4.96 6.68 -7.73
C ILE A 109 4.36 5.64 -6.79
N ILE A 110 3.69 6.11 -5.75
CA ILE A 110 3.09 5.22 -4.74
C ILE A 110 1.60 5.07 -5.06
N ILE A 111 1.23 3.86 -5.48
CA ILE A 111 -0.16 3.54 -5.85
C ILE A 111 -0.74 2.81 -4.65
N THR A 112 -1.73 3.43 -4.01
CA THR A 112 -2.29 2.89 -2.77
C THR A 112 -3.63 3.53 -2.41
N ASP A 113 -4.27 3.03 -1.37
CA ASP A 113 -5.53 3.63 -0.90
C ASP A 113 -5.24 4.64 0.19
N GLY A 114 -3.94 4.87 0.45
CA GLY A 114 -3.53 5.85 1.44
C GLY A 114 -3.43 5.40 2.89
N GLU A 115 -3.95 4.23 3.21
CA GLU A 115 -3.88 3.73 4.58
C GLU A 115 -2.48 3.23 4.92
N ALA A 116 -2.15 3.21 6.20
CA ALA A 116 -0.85 2.71 6.65
C ALA A 116 -1.00 2.03 8.00
N THR A 117 -0.48 0.82 8.10
CA THR A 117 -0.54 0.03 9.33
C THR A 117 0.73 0.18 10.17
N ASP A 118 1.70 0.95 9.68
CA ASP A 118 2.92 1.17 10.44
C ASP A 118 3.15 2.64 10.71
N SER A 119 4.34 2.95 11.22
CA SER A 119 4.67 4.33 11.55
C SER A 119 6.16 4.58 11.41
N GLY A 120 6.56 5.82 11.70
CA GLY A 120 7.96 6.19 11.60
C GLY A 120 8.08 7.48 10.82
N ASN A 121 9.09 7.54 9.98
CA ASN A 121 9.33 8.73 9.16
C ASN A 121 9.95 8.28 7.84
N ILE A 122 9.98 9.19 6.88
CA ILE A 122 10.56 8.90 5.59
C ILE A 122 11.65 9.91 5.22
N ASP A 123 12.43 10.31 6.22
CA ASP A 123 13.52 11.26 6.02
C ASP A 123 14.53 10.72 5.01
N ALA A 124 14.68 9.41 4.96
CA ALA A 124 15.61 8.75 4.04
C ALA A 124 15.24 8.97 2.58
N ALA A 125 13.98 9.32 2.34
CA ALA A 125 13.48 9.55 0.99
C ALA A 125 13.17 11.02 0.72
N LYS A 126 13.78 11.91 1.49
CA LYS A 126 13.53 13.35 1.35
C LYS A 126 13.96 13.91 -0.01
N ASP A 127 14.92 13.24 -0.66
CA ASP A 127 15.40 13.69 -1.97
C ASP A 127 14.74 12.95 -3.12
N ILE A 128 13.65 12.26 -2.83
CA ILE A 128 12.90 11.52 -3.84
C ILE A 128 11.56 12.23 -4.05
N ILE A 129 11.23 12.54 -5.30
CA ILE A 129 9.96 13.19 -5.62
C ILE A 129 8.90 12.11 -5.48
N ARG A 130 7.91 12.34 -4.62
CA ARG A 130 6.88 11.34 -4.36
C ARG A 130 5.45 11.68 -4.76
N TYR A 131 4.91 10.87 -5.67
CA TYR A 131 3.53 11.02 -6.14
C TYR A 131 2.67 9.94 -5.48
N ILE A 132 1.43 10.29 -5.20
CA ILE A 132 0.48 9.33 -4.63
C ILE A 132 -0.63 9.17 -5.66
N ILE A 133 -0.85 7.94 -6.11
CA ILE A 133 -1.90 7.64 -7.08
C ILE A 133 -2.92 6.80 -6.32
N GLY A 134 -4.07 7.40 -6.04
CA GLY A 134 -5.09 6.72 -5.27
C GLY A 134 -6.06 5.79 -5.97
N ILE A 135 -6.38 4.70 -5.27
CA ILE A 135 -7.32 3.71 -5.75
C ILE A 135 -7.89 2.98 -4.53
N GLY A 136 -9.16 2.58 -4.61
CA GLY A 136 -9.79 1.89 -3.49
C GLY A 136 -10.74 2.79 -2.72
N LYS A 137 -11.78 2.19 -2.14
CA LYS A 137 -12.78 2.93 -1.37
C LYS A 137 -12.23 3.67 -0.16
N HIS A 138 -11.12 3.20 0.39
CA HIS A 138 -10.53 3.85 1.57
C HIS A 138 -9.74 5.12 1.24
N PHE A 139 -9.45 5.35 -0.04
CA PHE A 139 -8.67 6.52 -0.44
C PHE A 139 -9.27 7.86 -0.05
N GLN A 140 -10.56 8.04 -0.26
CA GLN A 140 -11.22 9.30 0.06
C GLN A 140 -11.57 9.52 1.53
N THR A 141 -11.22 8.56 2.40
CA THR A 141 -11.53 8.68 3.82
C THR A 141 -10.61 9.71 4.49
N LYS A 142 -11.09 10.27 5.60
CA LYS A 142 -10.31 11.26 6.35
C LYS A 142 -8.97 10.67 6.81
N GLU A 143 -9.02 9.42 7.27
CA GLU A 143 -7.82 8.72 7.75
C GLU A 143 -6.76 8.63 6.66
N SER A 144 -7.17 8.19 5.47
CA SER A 144 -6.24 8.04 4.36
C SER A 144 -5.64 9.36 3.89
N GLN A 145 -6.48 10.37 3.73
CA GLN A 145 -6.02 11.68 3.27
C GLN A 145 -4.99 12.29 4.23
N GLU A 146 -5.18 12.07 5.53
CA GLU A 146 -4.24 12.59 6.52
C GLU A 146 -2.95 11.78 6.49
N THR A 147 -3.07 10.50 6.22
CA THR A 147 -1.91 9.60 6.15
C THR A 147 -1.05 9.86 4.91
N LEU A 148 -1.69 9.91 3.75
CA LEU A 148 -0.98 10.13 2.48
C LEU A 148 -0.25 11.48 2.40
N HIS A 149 -0.71 12.47 3.15
CA HIS A 149 -0.07 13.78 3.15
C HIS A 149 1.33 13.70 3.76
N LYS A 150 1.54 12.66 4.56
CA LYS A 150 2.84 12.42 5.20
C LYS A 150 3.83 11.75 4.24
N PHE A 151 3.32 11.25 3.11
CA PHE A 151 4.15 10.57 2.11
C PHE A 151 4.38 11.37 0.84
N ALA A 152 3.33 12.06 0.38
CA ALA A 152 3.40 12.82 -0.85
C ALA A 152 4.28 14.06 -0.79
N SER A 153 4.91 14.37 -1.91
CA SER A 153 5.73 15.58 -2.00
C SER A 153 4.74 16.75 -1.93
N LYS A 154 5.27 17.94 -1.66
CA LYS A 154 4.43 19.12 -1.54
C LYS A 154 4.58 20.06 -2.73
N PRO A 155 3.48 20.73 -3.16
CA PRO A 155 2.13 20.66 -2.59
C PRO A 155 1.35 19.42 -3.02
N ALA A 156 0.40 19.00 -2.19
CA ALA A 156 -0.42 17.83 -2.47
C ALA A 156 -1.22 17.96 -3.77
N SER A 157 -1.57 19.19 -4.13
CA SER A 157 -2.35 19.45 -5.35
C SER A 157 -1.59 19.04 -6.61
N GLU A 158 -0.27 19.03 -6.53
CA GLU A 158 0.58 18.67 -7.65
C GLU A 158 1.03 17.21 -7.65
N PHE A 159 1.09 16.60 -6.46
CA PHE A 159 1.58 15.22 -6.35
C PHE A 159 0.60 14.12 -5.99
N VAL A 160 -0.65 14.47 -5.72
CA VAL A 160 -1.66 13.47 -5.37
C VAL A 160 -2.84 13.51 -6.34
N CYS A 161 -3.19 12.34 -6.88
CA CYS A 161 -4.30 12.23 -7.79
C CYS A 161 -4.84 10.80 -7.81
N ILE A 162 -5.83 10.54 -8.67
CA ILE A 162 -6.42 9.19 -8.73
C ILE A 162 -5.95 8.38 -9.93
N LEU A 163 -5.98 7.06 -9.77
CA LEU A 163 -5.53 6.14 -10.81
C LEU A 163 -6.27 6.22 -12.14
N ASP A 164 -7.58 6.38 -12.10
CA ASP A 164 -8.37 6.43 -13.32
C ASP A 164 -7.96 7.50 -14.33
N THR A 165 -7.58 8.68 -13.84
CA THR A 165 -7.20 9.78 -14.72
C THR A 165 -5.76 10.25 -14.63
N PHE A 166 -5.08 9.88 -13.55
CA PHE A 166 -3.66 10.21 -13.33
C PHE A 166 -3.19 11.56 -13.87
N GLU A 167 -4.02 12.60 -13.66
CA GLU A 167 -3.70 13.94 -14.16
C GLU A 167 -2.38 14.50 -13.65
N CYS A 168 -2.07 14.21 -12.39
CA CYS A 168 -0.85 14.72 -11.77
C CYS A 168 0.44 14.14 -12.35
N LEU A 169 0.33 13.08 -13.14
CA LEU A 169 1.50 12.44 -13.75
C LEU A 169 1.86 12.98 -15.13
N LYS A 170 0.93 13.71 -15.75
CA LYS A 170 1.18 14.23 -17.08
C LYS A 170 2.38 15.18 -17.20
N ASP A 171 2.81 15.73 -16.07
CA ASP A 171 3.95 16.63 -16.05
C ASP A 171 5.26 15.85 -16.26
N LEU A 172 5.22 14.54 -16.04
CA LEU A 172 6.39 13.68 -16.21
C LEU A 172 6.80 13.58 -17.68
N PHE A 173 5.92 14.01 -18.57
CA PHE A 173 6.18 13.95 -20.01
C PHE A 173 6.69 15.25 -20.61
N THR A 174 6.41 16.36 -19.94
CA THR A 174 6.84 17.67 -20.42
C THR A 174 8.30 17.92 -20.07
N GLN B 1 6.38 -9.39 26.08
CA GLN B 1 7.30 -9.93 25.04
C GLN B 1 6.51 -10.53 23.87
N GLU B 2 5.94 -11.70 24.08
CA GLU B 2 5.14 -12.38 23.05
C GLU B 2 3.67 -12.49 23.45
N PHE B 3 2.83 -11.74 22.76
CA PHE B 3 1.39 -11.73 23.04
C PHE B 3 0.59 -11.98 21.77
N LEU B 4 -0.70 -12.28 21.93
CA LEU B 4 -1.57 -12.54 20.80
C LEU B 4 -2.56 -11.40 20.56
N LEU B 5 -2.97 -11.26 19.29
CA LEU B 5 -3.94 -10.24 18.90
C LEU B 5 -5.23 -10.96 18.53
N ARG B 6 -6.21 -10.85 19.41
CA ARG B 6 -7.51 -11.49 19.22
C ARG B 6 -8.43 -10.71 18.29
N VAL B 7 -9.10 -11.42 17.40
CA VAL B 7 -10.06 -10.80 16.48
C VAL B 7 -11.40 -11.47 16.76
N GLU B 8 -12.33 -10.70 17.31
CA GLU B 8 -13.66 -11.19 17.65
C GLU B 8 -14.73 -10.46 16.84
N PRO B 9 -15.66 -11.21 16.23
CA PRO B 9 -15.78 -12.68 16.23
C PRO B 9 -14.77 -13.38 15.31
N GLN B 10 -14.37 -14.59 15.70
CA GLN B 10 -13.41 -15.37 14.93
C GLN B 10 -14.08 -16.24 13.87
N ASN B 11 -13.66 -16.06 12.61
CA ASN B 11 -14.20 -16.80 11.47
C ASN B 11 -15.73 -16.91 11.50
N PRO B 12 -16.43 -15.75 11.52
CA PRO B 12 -17.89 -15.75 11.56
C PRO B 12 -18.54 -16.13 10.23
N VAL B 13 -19.70 -16.78 10.34
CA VAL B 13 -20.46 -17.19 9.16
C VAL B 13 -21.85 -16.57 9.26
N LEU B 14 -22.10 -15.57 8.43
CA LEU B 14 -23.39 -14.88 8.45
C LEU B 14 -24.06 -14.87 7.08
N SER B 15 -25.25 -14.27 7.02
CA SER B 15 -26.02 -14.19 5.78
C SER B 15 -26.28 -12.73 5.39
N ALA B 16 -27.27 -12.53 4.53
CA ALA B 16 -27.68 -11.22 4.03
C ALA B 16 -26.53 -10.36 3.52
N GLY B 17 -26.26 -9.26 4.22
CA GLY B 17 -25.20 -8.35 3.80
C GLY B 17 -25.35 -6.98 4.45
N GLY B 18 -25.47 -6.98 5.77
CA GLY B 18 -25.63 -5.74 6.50
C GLY B 18 -24.34 -5.24 7.10
N SER B 19 -24.24 -5.33 8.42
CA SER B 19 -23.05 -4.88 9.15
C SER B 19 -22.53 -5.93 10.12
N LEU B 20 -21.31 -5.71 10.60
CA LEU B 20 -20.65 -6.62 11.55
C LEU B 20 -19.73 -5.84 12.47
N PHE B 21 -19.79 -6.15 13.76
CA PHE B 21 -18.94 -5.50 14.76
C PHE B 21 -17.72 -6.36 15.03
N VAL B 22 -16.54 -5.83 14.71
CA VAL B 22 -15.30 -6.55 14.92
C VAL B 22 -14.47 -5.86 15.98
N ASN B 23 -13.97 -6.64 16.93
CA ASN B 23 -13.15 -6.12 18.01
C ASN B 23 -11.78 -6.76 18.00
N CYS B 24 -10.75 -5.93 17.83
CA CYS B 24 -9.37 -6.40 17.82
C CYS B 24 -8.76 -5.98 19.14
N SER B 25 -8.31 -6.97 19.91
CA SER B 25 -7.75 -6.69 21.22
C SER B 25 -6.52 -7.52 21.57
N THR B 26 -5.74 -7.02 22.51
CA THR B 26 -4.55 -7.72 22.97
C THR B 26 -4.28 -7.36 24.43
N ASP B 27 -3.64 -8.27 25.14
CA ASP B 27 -3.31 -8.05 26.54
C ASP B 27 -1.87 -7.56 26.70
N CYS B 28 -1.23 -7.26 25.58
CA CYS B 28 0.14 -6.76 25.56
C CYS B 28 0.18 -5.40 26.24
N PRO B 29 1.03 -5.25 27.28
CA PRO B 29 1.16 -3.99 28.01
C PRO B 29 1.61 -2.85 27.10
N SER B 30 0.91 -1.72 27.19
CA SER B 30 1.20 -0.53 26.39
C SER B 30 1.30 -0.81 24.89
N SER B 31 0.28 -1.45 24.35
CA SER B 31 0.23 -1.76 22.92
C SER B 31 0.09 -0.45 22.14
N GLU B 32 0.56 -0.46 20.89
CA GLU B 32 0.49 0.74 20.05
C GLU B 32 -0.12 0.53 18.67
N LYS B 33 -0.94 1.48 18.29
CA LYS B 33 -1.62 1.53 16.99
C LYS B 33 -2.33 0.28 16.50
N ILE B 34 -3.58 0.08 16.93
CA ILE B 34 -4.36 -1.05 16.47
C ILE B 34 -4.99 -0.64 15.14
N ALA B 35 -4.83 -1.49 14.13
CA ALA B 35 -5.38 -1.20 12.82
C ALA B 35 -6.10 -2.42 12.27
N LEU B 36 -7.14 -2.18 11.47
CA LEU B 36 -7.88 -3.26 10.83
C LEU B 36 -7.67 -3.14 9.33
N GLU B 37 -7.21 -4.23 8.73
CA GLU B 37 -6.94 -4.31 7.30
C GLU B 37 -8.11 -5.04 6.65
N THR B 38 -8.86 -4.33 5.81
CA THR B 38 -10.01 -4.91 5.14
C THR B 38 -10.41 -4.12 3.90
N SER B 39 -11.00 -4.79 2.92
CA SER B 39 -11.45 -4.16 1.70
C SER B 39 -12.90 -3.66 1.87
N LEU B 40 -13.50 -3.99 3.01
CA LEU B 40 -14.87 -3.59 3.33
C LEU B 40 -14.92 -2.18 3.89
N SER B 41 -16.07 -1.53 3.76
CA SER B 41 -16.27 -0.18 4.29
C SER B 41 -16.16 -0.33 5.81
N LYS B 42 -15.33 0.48 6.44
CA LYS B 42 -15.16 0.39 7.88
C LYS B 42 -15.22 1.73 8.59
N GLU B 43 -15.63 1.67 9.86
CA GLU B 43 -15.75 2.85 10.69
C GLU B 43 -15.32 2.49 12.11
N LEU B 44 -14.36 3.23 12.65
CA LEU B 44 -13.92 3.01 14.02
C LEU B 44 -15.07 3.49 14.89
N VAL B 45 -15.62 2.61 15.72
CA VAL B 45 -16.76 2.97 16.57
C VAL B 45 -16.46 3.03 18.06
N ALA B 46 -15.37 2.39 18.49
CA ALA B 46 -14.98 2.37 19.89
C ALA B 46 -13.53 1.98 20.06
N SER B 47 -12.94 2.41 21.17
CA SER B 47 -11.55 2.08 21.46
C SER B 47 -11.26 2.21 22.95
N GLY B 48 -10.30 1.41 23.41
CA GLY B 48 -9.89 1.44 24.80
C GLY B 48 -8.45 1.00 24.88
N MET B 49 -7.96 0.75 26.10
CA MET B 49 -6.58 0.32 26.27
C MET B 49 -6.39 -1.10 25.76
N GLY B 50 -5.63 -1.23 24.68
CA GLY B 50 -5.36 -2.54 24.10
C GLY B 50 -6.40 -3.08 23.14
N TRP B 51 -7.36 -2.26 22.73
CA TRP B 51 -8.39 -2.71 21.80
C TRP B 51 -9.04 -1.59 20.98
N ALA B 52 -9.63 -1.98 19.85
CA ALA B 52 -10.33 -1.08 18.95
C ALA B 52 -11.45 -1.87 18.28
N ALA B 53 -12.63 -1.27 18.23
CA ALA B 53 -13.79 -1.94 17.62
C ALA B 53 -14.23 -1.18 16.38
N PHE B 54 -14.56 -1.94 15.33
CA PHE B 54 -14.96 -1.35 14.06
C PHE B 54 -16.30 -1.91 13.57
N ASN B 55 -17.03 -1.09 12.81
CA ASN B 55 -18.29 -1.50 12.23
C ASN B 55 -18.05 -1.64 10.73
N LEU B 56 -18.17 -2.87 10.23
CA LEU B 56 -17.98 -3.14 8.81
C LEU B 56 -19.34 -3.19 8.13
N SER B 57 -19.55 -2.32 7.14
CA SER B 57 -20.82 -2.26 6.41
C SER B 57 -20.69 -2.70 4.95
N ASN B 58 -21.83 -3.01 4.33
CA ASN B 58 -21.89 -3.47 2.94
C ASN B 58 -21.19 -4.81 2.72
N VAL B 59 -21.36 -5.73 3.67
CA VAL B 59 -20.74 -7.05 3.58
C VAL B 59 -21.56 -7.96 2.67
N THR B 60 -21.35 -7.81 1.36
CA THR B 60 -22.07 -8.58 0.36
C THR B 60 -21.43 -9.92 -0.02
N GLY B 61 -20.18 -10.12 0.37
CA GLY B 61 -19.51 -11.36 0.04
C GLY B 61 -18.47 -11.77 1.07
N ASN B 62 -17.86 -12.93 0.85
CA ASN B 62 -16.84 -13.44 1.74
C ASN B 62 -15.67 -12.47 1.70
N SER B 63 -15.10 -12.18 2.86
CA SER B 63 -13.98 -11.26 2.92
C SER B 63 -13.11 -11.57 4.13
N ARG B 64 -11.80 -11.59 3.92
CA ARG B 64 -10.87 -11.86 5.00
C ARG B 64 -10.35 -10.55 5.58
N ILE B 65 -10.28 -10.47 6.91
CA ILE B 65 -9.79 -9.28 7.57
C ILE B 65 -8.58 -9.59 8.43
N LEU B 66 -7.71 -8.60 8.60
CA LEU B 66 -6.52 -8.78 9.40
C LEU B 66 -6.42 -7.59 10.34
N CYS B 67 -5.96 -7.85 11.55
CA CYS B 67 -5.77 -6.77 12.50
C CYS B 67 -4.31 -6.78 12.88
N SER B 68 -3.78 -5.61 13.20
CA SER B 68 -2.39 -5.50 13.58
C SER B 68 -2.22 -4.52 14.71
N VAL B 69 -1.09 -4.64 15.40
CA VAL B 69 -0.76 -3.77 16.51
C VAL B 69 0.70 -4.00 16.86
N TYR B 70 1.33 -2.99 17.43
CA TYR B 70 2.73 -3.12 17.83
C TYR B 70 2.82 -3.49 19.31
N CYS B 71 3.46 -4.62 19.57
CA CYS B 71 3.66 -5.11 20.92
C CYS B 71 5.16 -5.15 21.17
N ASN B 72 5.61 -4.31 22.11
CA ASN B 72 7.03 -4.21 22.45
C ASN B 72 7.85 -3.82 21.22
N GLY B 73 7.29 -2.92 20.42
CA GLY B 73 7.97 -2.45 19.22
C GLY B 73 7.88 -3.36 18.00
N SER B 74 7.26 -4.53 18.18
CA SER B 74 7.13 -5.48 17.08
C SER B 74 5.67 -5.64 16.68
N GLN B 75 5.43 -5.79 15.37
CA GLN B 75 4.08 -5.93 14.86
C GLN B 75 3.54 -7.36 14.94
N ILE B 76 2.35 -7.48 15.52
CA ILE B 76 1.69 -8.78 15.63
C ILE B 76 0.37 -8.66 14.89
N THR B 77 -0.13 -9.78 14.41
CA THR B 77 -1.36 -9.77 13.65
C THR B 77 -2.35 -10.85 14.03
N GLY B 78 -3.62 -10.56 13.78
CA GLY B 78 -4.70 -11.50 14.05
C GLY B 78 -5.56 -11.53 12.80
N SER B 79 -6.21 -12.66 12.54
CA SER B 79 -7.05 -12.75 11.35
C SER B 79 -8.42 -13.32 11.64
N SER B 80 -9.33 -13.09 10.70
CA SER B 80 -10.70 -13.58 10.78
C SER B 80 -11.27 -13.64 9.38
N ASN B 81 -11.72 -14.83 8.99
CA ASN B 81 -12.30 -15.05 7.68
C ASN B 81 -13.82 -14.94 7.75
N ILE B 82 -14.37 -13.88 7.16
CA ILE B 82 -15.81 -13.68 7.15
C ILE B 82 -16.44 -14.46 6.00
N THR B 83 -17.42 -15.30 6.32
CA THR B 83 -18.10 -16.10 5.31
C THR B 83 -19.57 -15.69 5.23
N VAL B 84 -20.02 -15.42 4.01
CA VAL B 84 -21.40 -15.02 3.77
C VAL B 84 -22.11 -16.06 2.90
N TYR B 85 -23.28 -16.49 3.34
CA TYR B 85 -24.05 -17.46 2.57
C TYR B 85 -25.38 -16.87 2.10
N GLY B 86 -25.86 -17.36 0.96
CA GLY B 86 -27.11 -16.88 0.41
C GLY B 86 -27.97 -18.01 -0.11
MG MG C . -4.22 -1.73 2.88
C1 NAG D . -13.28 -5.33 22.92
C2 NAG D . -14.36 -4.84 23.90
C3 NAG D . -13.73 -4.51 25.24
C4 NAG D . -12.90 -5.68 25.75
C5 NAG D . -11.89 -6.09 24.68
C6 NAG D . -11.06 -7.29 25.09
C7 NAG D . -16.18 -3.80 22.72
C8 NAG D . -16.72 -2.57 22.00
N2 NAG D . -15.03 -3.68 23.36
O3 NAG D . -14.75 -4.21 26.18
O4 NAG D . -12.23 -5.32 26.95
O5 NAG D . -12.58 -6.43 23.47
O6 NAG D . -11.89 -8.40 25.41
O7 NAG D . -16.82 -4.86 22.68
C1 NAG E . -8.95 -18.35 7.97
C2 NAG E . -7.62 -18.40 7.23
C3 NAG E . -6.51 -18.85 8.17
C4 NAG E . -6.50 -18.00 9.43
C5 NAG E . -7.88 -17.99 10.07
C6 NAG E . -7.96 -17.11 11.29
C7 NAG E . -7.25 -18.98 4.93
C8 NAG E . -8.18 -18.18 4.02
N2 NAG E . -7.73 -19.32 6.12
O3 NAG E . -5.26 -18.76 7.51
O4 NAG E . -5.55 -18.52 10.35
O5 NAG E . -8.85 -17.50 9.13
O6 NAG E . -8.68 -17.75 12.33
O7 NAG E . -6.12 -19.28 4.54
#